data_6COK
#
_entry.id   6COK
#
_cell.length_a   31.412
_cell.length_b   111.009
_cell.length_c   44.937
_cell.angle_alpha   90.00
_cell.angle_beta   101.36
_cell.angle_gamma   90.00
#
_symmetry.space_group_name_H-M   'P 1 21 1'
#
loop_
_entity.id
_entity.type
_entity.pdbx_description
1 polymer 'Protein STU1'
2 water water
#
_entity_poly.entity_id   1
_entity_poly.type   'polypeptide(L)'
_entity_poly.pdbx_seq_one_letter_code
;SDLEVEKFKQKFISLAKSQDQHGSQEDKSTLFDEEYEFQLLLAEAKLPQLSNNLSSKDPAMKKNYESLNQLQQDLENLLA
PFQSVKETEQNWKLRQSNIIELDNIISGNIPKDNPEEFVTVIKEVQLIELISRATSSLRTTLSLTALLFLKRLIHILNDQ
LPLSILDQIFVIFKNLLSSTKKISSQTAFHCLITLIIDINHFHNKLFQLSFLLINEKTVTPRFCSAILLRSFLIKFNDSN
LSLNNSNTTSPTSKLENNIIYIEEWLKKGISDSQTTVREAMRLTFWYFYKCYPTNAKRLLSSSFSPQLKKATELAIPAHL
;
_entity_poly.pdbx_strand_id   A
#
# COMPACT_ATOMS: atom_id res chain seq x y z
N SER A 29 12.51 -1.43 -24.46
CA SER A 29 12.33 -0.90 -23.12
C SER A 29 10.95 -1.28 -22.60
N THR A 30 10.61 -0.80 -21.40
CA THR A 30 9.32 -1.07 -20.80
C THR A 30 8.34 0.05 -21.15
N LEU A 31 7.04 -0.29 -21.12
CA LEU A 31 6.01 0.70 -21.41
C LEU A 31 6.17 1.95 -20.55
N PHE A 32 6.32 1.76 -19.25
CA PHE A 32 6.54 2.88 -18.34
C PHE A 32 7.97 2.88 -17.79
N ASP A 33 8.48 4.08 -17.53
CA ASP A 33 9.79 4.30 -16.89
C ASP A 33 9.57 4.27 -15.39
N GLU A 34 9.80 3.11 -14.76
CA GLU A 34 9.41 2.95 -13.35
C GLU A 34 10.16 3.92 -12.44
N GLU A 35 11.45 4.15 -12.73
CA GLU A 35 12.25 5.06 -11.92
C GLU A 35 11.62 6.44 -11.85
N TYR A 36 11.21 6.95 -13.01
CA TYR A 36 10.49 8.22 -13.06
C TYR A 36 9.11 8.11 -12.41
N GLU A 37 8.33 7.11 -12.81
CA GLU A 37 6.96 7.03 -12.32
C GLU A 37 6.91 6.85 -10.81
N PHE A 38 7.84 6.08 -10.24
CA PHE A 38 7.84 5.89 -8.78
C PHE A 38 8.13 7.19 -8.04
N GLN A 39 9.02 8.03 -8.57
CA GLN A 39 9.27 9.30 -7.90
C GLN A 39 8.03 10.17 -7.91
N LEU A 40 7.25 10.13 -9.00
CA LEU A 40 5.98 10.84 -9.03
C LEU A 40 4.98 10.27 -8.04
N LEU A 41 4.85 8.94 -7.98
CA LEU A 41 3.92 8.33 -7.02
C LEU A 41 4.28 8.70 -5.59
N LEU A 42 5.57 8.63 -5.25
CA LEU A 42 5.97 8.96 -3.90
C LEU A 42 5.71 10.43 -3.57
N ALA A 43 5.73 11.30 -4.59
CA ALA A 43 5.40 12.71 -4.36
C ALA A 43 3.92 12.91 -4.11
N GLU A 44 3.06 12.05 -4.66
CA GLU A 44 1.66 12.10 -4.30
C GLU A 44 1.45 11.82 -2.82
N ALA A 45 2.39 11.09 -2.21
CA ALA A 45 2.28 10.61 -0.83
C ALA A 45 3.56 10.97 -0.07
N LYS A 46 3.74 12.25 0.21
CA LYS A 46 4.87 12.69 1.02
C LYS A 46 4.77 12.16 2.44
N LEU A 47 5.91 11.77 3.00
CA LEU A 47 5.95 11.36 4.41
C LEU A 47 6.10 12.59 5.30
N TYR A 65 23.19 -12.77 17.12
CA TYR A 65 22.47 -13.92 17.66
C TYR A 65 23.23 -15.22 17.42
N GLU A 66 23.22 -16.10 18.42
CA GLU A 66 23.85 -17.40 18.27
C GLU A 66 22.97 -18.40 17.52
N SER A 67 21.67 -18.12 17.42
CA SER A 67 20.74 -19.07 16.83
C SER A 67 19.43 -18.36 16.56
N LEU A 68 18.57 -19.04 15.78
CA LEU A 68 17.22 -18.55 15.54
C LEU A 68 16.36 -18.63 16.80
N ASN A 69 16.61 -19.65 17.63
CA ASN A 69 15.87 -19.78 18.89
C ASN A 69 16.16 -18.62 19.83
N GLN A 70 17.40 -18.14 19.83
CA GLN A 70 17.71 -16.98 20.66
C GLN A 70 17.03 -15.73 20.11
N LEU A 71 16.98 -15.59 18.78
CA LEU A 71 16.21 -14.51 18.18
C LEU A 71 14.75 -14.59 18.59
N GLN A 72 14.15 -15.77 18.49
CA GLN A 72 12.73 -15.91 18.82
C GLN A 72 12.46 -15.55 20.27
N GLN A 73 13.34 -15.98 21.18
CA GLN A 73 13.18 -15.62 22.57
C GLN A 73 13.25 -14.10 22.77
N ASP A 74 14.18 -13.46 22.09
CA ASP A 74 14.28 -12.01 22.19
C ASP A 74 13.02 -11.33 21.66
N LEU A 75 12.47 -11.84 20.56
CA LEU A 75 11.22 -11.31 20.04
C LEU A 75 10.08 -11.52 21.02
N GLU A 76 10.00 -12.71 21.63
CA GLU A 76 8.93 -12.97 22.58
C GLU A 76 9.01 -12.03 23.79
N ASN A 77 10.22 -11.70 24.22
CA ASN A 77 10.37 -10.79 25.36
C ASN A 77 9.99 -9.37 24.97
N LEU A 78 10.34 -8.95 23.75
CA LEU A 78 9.98 -7.61 23.31
C LEU A 78 8.48 -7.48 23.08
N LEU A 79 7.81 -8.57 22.72
CA LEU A 79 6.38 -8.53 22.46
C LEU A 79 5.54 -8.68 23.71
N ALA A 80 6.14 -9.05 24.84
CA ALA A 80 5.41 -9.24 26.09
C ALA A 80 4.49 -8.06 26.44
N PRO A 81 4.94 -6.81 26.41
CA PRO A 81 4.02 -5.70 26.76
C PRO A 81 2.88 -5.51 25.77
N PHE A 82 2.93 -6.17 24.62
CA PHE A 82 1.85 -6.10 23.64
C PHE A 82 0.78 -7.16 23.87
N GLN A 83 1.04 -8.13 24.76
CA GLN A 83 0.12 -9.28 24.86
C GLN A 83 -1.23 -8.87 25.43
N SER A 84 -1.28 -7.80 26.22
CA SER A 84 -2.56 -7.31 26.72
C SER A 84 -3.25 -6.45 25.68
N VAL A 85 -4.56 -6.62 25.58
CA VAL A 85 -5.39 -5.81 24.70
C VAL A 85 -5.33 -4.33 25.06
N LYS A 86 -5.17 -4.02 26.35
CA LYS A 86 -5.32 -2.65 26.82
C LYS A 86 -3.97 -1.95 26.77
N GLU A 87 -3.91 -0.86 26.03
CA GLU A 87 -2.83 0.11 26.17
C GLU A 87 -3.06 0.94 27.43
N THR A 88 -2.02 1.13 28.23
CA THR A 88 -2.12 1.83 29.49
C THR A 88 -1.06 2.91 29.56
N GLU A 89 -1.25 3.84 30.50
CA GLU A 89 -0.19 4.80 30.81
C GLU A 89 1.10 4.07 31.14
N GLN A 90 1.00 2.85 31.67
CA GLN A 90 2.13 2.11 32.16
C GLN A 90 2.83 1.27 31.11
N ASN A 91 2.23 1.03 29.94
CA ASN A 91 2.89 0.20 28.93
C ASN A 91 3.13 0.88 27.59
N TRP A 92 2.63 2.09 27.36
CA TRP A 92 2.72 2.65 26.01
C TRP A 92 4.14 3.05 25.64
N LYS A 93 4.91 3.59 26.59
CA LYS A 93 6.30 3.96 26.26
C LYS A 93 7.16 2.73 26.06
N LEU A 94 6.92 1.67 26.84
CA LEU A 94 7.65 0.43 26.61
C LEU A 94 7.28 -0.18 25.25
N ARG A 95 6.00 -0.13 24.87
CA ARG A 95 5.65 -0.58 23.54
C ARG A 95 6.41 0.21 22.47
N GLN A 96 6.50 1.53 22.64
CA GLN A 96 7.19 2.33 21.63
C GLN A 96 8.68 2.03 21.61
N SER A 97 9.28 1.95 22.79
CA SER A 97 10.70 1.63 22.88
C SER A 97 10.99 0.24 22.33
N ASN A 98 10.07 -0.70 22.53
CA ASN A 98 10.32 -2.05 22.07
C ASN A 98 10.21 -2.16 20.56
N ILE A 99 9.32 -1.37 19.95
CA ILE A 99 9.25 -1.35 18.49
C ILE A 99 10.57 -0.83 17.90
N ILE A 100 11.18 0.16 18.54
CA ILE A 100 12.49 0.63 18.10
C ILE A 100 13.49 -0.52 18.12
N GLU A 101 13.46 -1.35 19.17
CA GLU A 101 14.39 -2.48 19.23
C GLU A 101 14.05 -3.53 18.18
N LEU A 102 12.76 -3.78 17.95
CA LEU A 102 12.37 -4.68 16.87
C LEU A 102 12.85 -4.18 15.52
N ASP A 103 12.83 -2.86 15.32
CA ASP A 103 13.33 -2.28 14.08
C ASP A 103 14.82 -2.54 13.93
N ASN A 104 15.57 -2.47 15.03
CA ASN A 104 16.98 -2.81 15.00
C ASN A 104 17.17 -4.27 14.62
N ILE A 105 16.29 -5.14 15.09
CA ILE A 105 16.42 -6.56 14.80
C ILE A 105 16.19 -6.83 13.32
N ILE A 106 15.19 -6.19 12.71
CA ILE A 106 14.95 -6.48 11.30
C ILE A 106 16.05 -5.89 10.39
N SER A 107 16.85 -4.95 10.89
CA SER A 107 18.04 -4.50 10.18
C SER A 107 19.21 -5.46 10.31
N GLY A 108 19.08 -6.55 11.06
CA GLY A 108 20.19 -7.43 11.34
C GLY A 108 20.46 -8.43 10.23
N ASN A 109 21.40 -9.34 10.51
CA ASN A 109 21.86 -10.26 9.47
C ASN A 109 20.86 -11.39 9.23
N ILE A 110 20.22 -11.89 10.28
CA ILE A 110 19.33 -13.04 10.11
C ILE A 110 18.18 -12.75 9.15
N PRO A 111 17.47 -11.62 9.22
CA PRO A 111 16.44 -11.37 8.20
C PRO A 111 17.01 -11.15 6.80
N LYS A 112 18.24 -10.65 6.69
CA LYS A 112 18.87 -10.52 5.38
C LYS A 112 19.34 -11.86 4.85
N ASP A 113 19.92 -12.70 5.71
CA ASP A 113 20.52 -13.96 5.29
C ASP A 113 19.54 -15.11 5.22
N ASN A 114 18.51 -15.10 6.06
CA ASN A 114 17.57 -16.22 6.16
C ASN A 114 16.17 -15.66 6.32
N PRO A 115 15.66 -14.93 5.32
CA PRO A 115 14.30 -14.38 5.44
C PRO A 115 13.24 -15.45 5.56
N GLU A 116 13.43 -16.62 4.94
CA GLU A 116 12.41 -17.65 5.00
C GLU A 116 12.19 -18.14 6.43
N GLU A 117 13.27 -18.52 7.13
CA GLU A 117 13.08 -18.94 8.51
C GLU A 117 12.74 -17.75 9.43
N PHE A 118 13.17 -16.53 9.08
CA PHE A 118 12.75 -15.37 9.87
C PHE A 118 11.25 -15.15 9.76
N VAL A 119 10.69 -15.37 8.57
CA VAL A 119 9.24 -15.27 8.38
C VAL A 119 8.51 -16.30 9.24
N THR A 120 9.05 -17.51 9.31
CA THR A 120 8.45 -18.51 10.19
C THR A 120 8.45 -18.03 11.64
N VAL A 121 9.53 -17.35 12.06
CA VAL A 121 9.60 -16.89 13.43
C VAL A 121 8.55 -15.80 13.70
N ILE A 122 8.44 -14.81 12.80
CA ILE A 122 7.52 -13.71 13.10
C ILE A 122 6.06 -14.16 12.98
N LYS A 123 5.79 -15.18 12.17
CA LYS A 123 4.47 -15.81 12.20
C LYS A 123 4.20 -16.46 13.54
N GLU A 124 5.15 -17.26 14.04
CA GLU A 124 4.90 -18.00 15.27
C GLU A 124 4.66 -17.06 16.45
N VAL A 125 5.42 -15.97 16.53
CA VAL A 125 5.25 -15.04 17.65
C VAL A 125 4.16 -14.02 17.40
N GLN A 126 3.47 -14.11 16.26
CA GLN A 126 2.33 -13.24 15.94
C GLN A 126 2.72 -11.76 15.96
N LEU A 127 3.86 -11.47 15.35
CA LEU A 127 4.40 -10.11 15.37
C LEU A 127 3.42 -9.10 14.79
N ILE A 128 2.82 -9.41 13.63
CA ILE A 128 2.02 -8.39 12.95
C ILE A 128 0.77 -8.07 13.75
N GLU A 129 0.10 -9.09 14.28
CA GLU A 129 -1.10 -8.84 15.06
C GLU A 129 -0.78 -8.04 16.31
N LEU A 130 0.35 -8.34 16.96
CA LEU A 130 0.71 -7.59 18.16
C LEU A 130 1.13 -6.16 17.82
N ILE A 131 1.85 -5.98 16.71
CA ILE A 131 2.17 -4.63 16.27
C ILE A 131 0.91 -3.82 15.97
N SER A 132 -0.16 -4.49 15.53
CA SER A 132 -1.39 -3.76 15.22
C SER A 132 -2.03 -3.13 16.47
N ARG A 133 -1.67 -3.60 17.66
CA ARG A 133 -2.14 -2.92 18.87
C ARG A 133 -1.52 -1.54 19.02
N ALA A 134 -0.36 -1.32 18.40
CA ALA A 134 0.31 -0.02 18.43
C ALA A 134 -0.09 0.87 17.26
N THR A 135 -0.30 0.29 16.06
CA THR A 135 -0.78 1.12 14.95
C THR A 135 -2.14 1.73 15.25
N SER A 136 -2.94 1.04 16.07
CA SER A 136 -4.25 1.51 16.50
C SER A 136 -4.20 2.46 17.70
N SER A 137 -3.03 2.76 18.23
CA SER A 137 -2.96 3.64 19.38
C SER A 137 -3.45 5.04 19.01
N LEU A 138 -4.07 5.71 19.98
CA LEU A 138 -4.41 7.12 19.84
C LEU A 138 -3.22 8.03 20.14
N ARG A 139 -2.11 7.45 20.61
CA ARG A 139 -0.88 8.17 20.83
C ARG A 139 -0.10 8.26 19.52
N THR A 140 0.05 9.49 19.01
CA THR A 140 0.60 9.69 17.66
C THR A 140 1.98 9.07 17.52
N THR A 141 2.88 9.31 18.48
CA THR A 141 4.24 8.79 18.29
C THR A 141 4.26 7.26 18.26
N LEU A 142 3.39 6.60 19.04
CA LEU A 142 3.41 5.14 19.07
C LEU A 142 2.80 4.57 17.79
N SER A 143 1.67 5.11 17.33
CA SER A 143 1.07 4.63 16.10
CA SER A 143 1.07 4.63 16.10
C SER A 143 1.99 4.84 14.91
N LEU A 144 2.62 6.01 14.82
CA LEU A 144 3.53 6.27 13.71
C LEU A 144 4.77 5.39 13.79
N THR A 145 5.31 5.17 14.99
CA THR A 145 6.48 4.29 15.13
C THR A 145 6.16 2.89 14.62
N ALA A 146 4.97 2.39 14.96
CA ALA A 146 4.55 1.06 14.51
C ALA A 146 4.33 1.03 13.01
N LEU A 147 3.75 2.09 12.43
CA LEU A 147 3.52 2.09 10.99
C LEU A 147 4.84 2.06 10.23
N LEU A 148 5.83 2.85 10.68
CA LEU A 148 7.13 2.88 10.01
C LEU A 148 7.89 1.56 10.18
N PHE A 149 7.72 0.89 11.32
CA PHE A 149 8.28 -0.45 11.46
C PHE A 149 7.73 -1.40 10.41
N LEU A 150 6.41 -1.41 10.21
CA LEU A 150 5.82 -2.30 9.22
C LEU A 150 6.29 -1.95 7.81
N LYS A 151 6.43 -0.65 7.52
CA LYS A 151 7.00 -0.22 6.25
C LYS A 151 8.40 -0.78 6.05
N ARG A 152 9.21 -0.77 7.11
CA ARG A 152 10.58 -1.26 6.98
C ARG A 152 10.62 -2.78 6.83
N LEU A 153 9.71 -3.47 7.52
CA LEU A 153 9.58 -4.91 7.38
C LEU A 153 9.23 -5.29 5.94
N ILE A 154 8.26 -4.59 5.35
CA ILE A 154 7.92 -4.80 3.95
C ILE A 154 9.14 -4.59 3.07
N HIS A 155 9.86 -3.49 3.29
CA HIS A 155 11.03 -3.18 2.47
C HIS A 155 12.05 -4.31 2.53
N ILE A 156 12.37 -4.78 3.73
CA ILE A 156 13.51 -5.69 3.91
C ILE A 156 13.15 -7.10 3.48
N LEU A 157 11.97 -7.58 3.83
CA LEU A 157 11.59 -8.95 3.51
C LEU A 157 10.90 -9.07 2.16
N ASN A 158 10.21 -8.01 1.77
CA ASN A 158 9.41 -7.90 0.54
C ASN A 158 8.77 -9.21 0.08
N ASP A 159 9.15 -9.69 -1.10
CA ASP A 159 8.48 -10.86 -1.67
C ASP A 159 8.79 -12.17 -0.95
N GLN A 160 9.63 -12.17 0.08
CA GLN A 160 9.72 -13.34 0.94
C GLN A 160 8.54 -13.46 1.89
N LEU A 161 7.76 -12.38 2.07
CA LEU A 161 6.58 -12.46 2.93
C LEU A 161 5.45 -13.22 2.21
N PRO A 162 4.82 -14.20 2.86
CA PRO A 162 3.64 -14.84 2.24
C PRO A 162 2.52 -13.84 2.06
N LEU A 163 1.62 -14.15 1.11
CA LEU A 163 0.48 -13.28 0.86
C LEU A 163 -0.31 -13.02 2.14
N SER A 164 -0.43 -14.03 3.00
CA SER A 164 -1.18 -13.88 4.24
C SER A 164 -0.66 -12.72 5.08
N ILE A 165 0.66 -12.53 5.12
CA ILE A 165 1.25 -11.45 5.90
C ILE A 165 1.18 -10.12 5.15
N LEU A 166 1.41 -10.11 3.82
CA LEU A 166 1.20 -8.89 3.05
C LEU A 166 -0.23 -8.40 3.18
N ASP A 167 -1.17 -9.33 3.08
CA ASP A 167 -2.60 -9.01 3.28
C ASP A 167 -2.81 -8.36 4.64
N GLN A 168 -2.31 -9.00 5.69
CA GLN A 168 -2.41 -8.44 7.05
C GLN A 168 -1.92 -7.00 7.12
N ILE A 169 -0.73 -6.74 6.57
CA ILE A 169 -0.14 -5.41 6.67
C ILE A 169 -0.90 -4.41 5.80
N PHE A 170 -1.30 -4.84 4.60
CA PHE A 170 -2.08 -3.97 3.71
C PHE A 170 -3.36 -3.52 4.41
N VAL A 171 -4.05 -4.43 5.11
CA VAL A 171 -5.28 -4.07 5.81
C VAL A 171 -5.01 -3.06 6.93
N ILE A 172 -3.90 -3.23 7.67
CA ILE A 172 -3.58 -2.24 8.70
C ILE A 172 -3.40 -0.86 8.07
N PHE A 173 -2.64 -0.79 6.98
CA PHE A 173 -2.41 0.48 6.29
C PHE A 173 -3.71 1.06 5.75
N LYS A 174 -4.45 0.26 4.96
CA LYS A 174 -5.64 0.76 4.28
C LYS A 174 -6.66 1.28 5.27
N ASN A 175 -6.81 0.62 6.43
CA ASN A 175 -7.82 1.06 7.37
C ASN A 175 -7.46 2.41 7.99
N LEU A 176 -6.17 2.68 8.19
CA LEU A 176 -5.77 3.99 8.71
C LEU A 176 -5.92 5.10 7.69
N LEU A 177 -6.10 4.77 6.39
CA LEU A 177 -6.42 5.79 5.41
C LEU A 177 -7.70 6.53 5.77
N SER A 178 -8.59 5.86 6.52
CA SER A 178 -9.86 6.43 6.92
C SER A 178 -9.80 7.11 8.28
N SER A 179 -8.62 7.21 8.88
CA SER A 179 -8.49 7.92 10.15
C SER A 179 -8.84 9.38 9.96
N THR A 180 -9.60 9.94 10.92
CA THR A 180 -9.79 11.39 10.92
C THR A 180 -8.50 12.13 11.25
N LYS A 181 -7.48 11.43 11.71
CA LYS A 181 -6.23 12.05 12.08
C LYS A 181 -5.34 12.17 10.85
N LYS A 182 -5.05 13.41 10.43
CA LYS A 182 -4.41 13.66 9.15
C LYS A 182 -3.05 12.98 9.05
N ILE A 183 -2.20 13.15 10.08
CA ILE A 183 -0.86 12.57 9.99
C ILE A 183 -0.94 11.06 9.90
N SER A 184 -2.00 10.44 10.46
CA SER A 184 -2.12 9.00 10.39
C SER A 184 -2.48 8.54 8.98
N SER A 185 -3.52 9.11 8.40
CA SER A 185 -3.92 8.68 7.07
C SER A 185 -2.82 8.98 6.06
N GLN A 186 -2.14 10.12 6.21
CA GLN A 186 -1.09 10.44 5.24
C GLN A 186 0.11 9.50 5.36
N THR A 187 0.48 9.12 6.59
CA THR A 187 1.56 8.14 6.75
C THR A 187 1.15 6.78 6.19
N ALA A 188 -0.09 6.35 6.46
CA ALA A 188 -0.57 5.08 5.91
C ALA A 188 -0.57 5.11 4.39
N PHE A 189 -0.95 6.24 3.79
CA PHE A 189 -0.91 6.40 2.34
C PHE A 189 0.49 6.17 1.80
N HIS A 190 1.48 6.84 2.41
CA HIS A 190 2.87 6.68 2.02
C HIS A 190 3.32 5.23 2.13
N CYS A 191 2.97 4.57 3.24
CA CYS A 191 3.38 3.18 3.43
C CYS A 191 2.76 2.26 2.38
N LEU A 192 1.54 2.53 1.94
CA LEU A 192 0.90 1.69 0.95
C LEU A 192 1.57 1.81 -0.41
N ILE A 193 1.88 3.03 -0.84
CA ILE A 193 2.59 3.23 -2.10
C ILE A 193 3.95 2.54 -2.06
N THR A 194 4.66 2.69 -0.93
CA THR A 194 5.95 2.03 -0.80
C THR A 194 5.79 0.51 -0.86
N LEU A 195 4.75 -0.03 -0.21
CA LEU A 195 4.45 -1.46 -0.32
C LEU A 195 4.36 -1.89 -1.79
N ILE A 196 3.57 -1.18 -2.60
CA ILE A 196 3.38 -1.60 -3.99
C ILE A 196 4.71 -1.57 -4.76
N ILE A 197 5.51 -0.55 -4.50
CA ILE A 197 6.83 -0.48 -5.14
C ILE A 197 7.71 -1.64 -4.68
N ASP A 198 7.62 -2.00 -3.39
CA ASP A 198 8.53 -3.01 -2.86
C ASP A 198 8.12 -4.44 -3.23
N ILE A 199 6.84 -4.70 -3.51
CA ILE A 199 6.33 -6.04 -3.75
C ILE A 199 6.29 -6.27 -5.26
N ASN A 200 7.07 -7.22 -5.75
CA ASN A 200 7.25 -7.38 -7.18
C ASN A 200 6.40 -8.48 -7.79
N HIS A 201 5.66 -9.22 -6.99
CA HIS A 201 4.73 -10.18 -7.52
C HIS A 201 3.33 -9.61 -7.48
N PHE A 202 2.59 -9.86 -8.55
CA PHE A 202 1.21 -9.43 -8.63
C PHE A 202 0.33 -10.36 -7.81
N HIS A 203 -0.44 -9.77 -6.89
CA HIS A 203 -1.39 -10.50 -6.07
C HIS A 203 -2.78 -9.95 -6.32
N ASN A 204 -3.66 -10.80 -6.85
CA ASN A 204 -5.03 -10.37 -7.06
C ASN A 204 -5.65 -9.87 -5.76
N LYS A 205 -5.32 -10.50 -4.64
CA LYS A 205 -5.89 -10.08 -3.37
C LYS A 205 -5.56 -8.63 -3.07
N LEU A 206 -4.31 -8.21 -3.32
CA LEU A 206 -3.92 -6.84 -3.03
C LEU A 206 -4.51 -5.86 -4.04
N PHE A 207 -4.64 -6.29 -5.29
CA PHE A 207 -5.34 -5.47 -6.28
C PHE A 207 -6.80 -5.24 -5.88
N GLN A 208 -7.46 -6.28 -5.39
CA GLN A 208 -8.86 -6.14 -4.98
CA GLN A 208 -8.86 -6.15 -4.98
C GLN A 208 -8.98 -5.29 -3.71
N LEU A 209 -8.08 -5.46 -2.75
CA LEU A 209 -8.14 -4.59 -1.58
C LEU A 209 -7.97 -3.12 -1.97
N SER A 210 -7.11 -2.86 -2.97
CA SER A 210 -6.91 -1.50 -3.46
C SER A 210 -8.15 -0.99 -4.19
N PHE A 211 -8.68 -1.81 -5.09
CA PHE A 211 -9.89 -1.47 -5.85
C PHE A 211 -11.04 -1.11 -4.92
N LEU A 212 -11.27 -1.91 -3.87
CA LEU A 212 -12.47 -1.71 -3.07
C LEU A 212 -12.37 -0.50 -2.15
N LEU A 213 -11.20 0.11 -2.03
CA LEU A 213 -11.09 1.42 -1.39
C LEU A 213 -11.95 2.47 -2.07
N ILE A 214 -12.28 2.29 -3.35
CA ILE A 214 -13.09 3.27 -4.08
C ILE A 214 -14.49 3.41 -3.50
N ASN A 215 -14.91 2.46 -2.66
CA ASN A 215 -16.21 2.47 -2.02
C ASN A 215 -16.21 3.07 -0.61
N GLU A 216 -15.05 3.46 -0.10
CA GLU A 216 -14.99 4.05 1.23
C GLU A 216 -15.65 5.42 1.25
N LYS A 217 -16.23 5.77 2.39
CA LYS A 217 -17.02 7.01 2.46
C LYS A 217 -16.17 8.26 2.62
N THR A 218 -15.00 8.17 3.26
CA THR A 218 -14.20 9.38 3.42
C THR A 218 -13.22 9.49 2.25
N VAL A 219 -12.82 10.72 1.95
CA VAL A 219 -12.21 11.02 0.66
C VAL A 219 -10.85 10.34 0.52
N THR A 220 -10.06 10.31 1.59
CA THR A 220 -8.66 9.92 1.43
C THR A 220 -8.46 8.50 0.88
N PRO A 221 -9.17 7.46 1.36
CA PRO A 221 -9.01 6.14 0.73
C PRO A 221 -9.39 6.13 -0.74
N ARG A 222 -10.42 6.87 -1.14
CA ARG A 222 -10.77 6.92 -2.56
C ARG A 222 -9.69 7.60 -3.37
N PHE A 223 -9.15 8.71 -2.86
CA PHE A 223 -8.04 9.38 -3.53
C PHE A 223 -6.84 8.45 -3.63
N CYS A 224 -6.45 7.82 -2.50
CA CYS A 224 -5.34 6.87 -2.49
CA CYS A 224 -5.32 6.93 -2.56
C CYS A 224 -5.55 5.77 -3.52
N SER A 225 -6.79 5.29 -3.64
CA SER A 225 -7.12 4.22 -4.58
C SER A 225 -6.80 4.63 -6.02
N ALA A 226 -7.00 5.90 -6.38
CA ALA A 226 -6.62 6.32 -7.73
C ALA A 226 -5.11 6.22 -7.95
N ILE A 227 -4.33 6.48 -6.90
CA ILE A 227 -2.88 6.35 -7.03
C ILE A 227 -2.47 4.88 -7.03
N LEU A 228 -3.15 4.07 -6.23
CA LEU A 228 -2.86 2.64 -6.21
C LEU A 228 -3.14 2.01 -7.57
N LEU A 229 -4.28 2.35 -8.18
CA LEU A 229 -4.55 1.84 -9.53
C LEU A 229 -3.42 2.21 -10.48
N ARG A 230 -2.98 3.46 -10.43
CA ARG A 230 -1.89 3.92 -11.28
C ARG A 230 -0.64 3.09 -11.06
N SER A 231 -0.31 2.81 -9.80
CA SER A 231 0.87 2.02 -9.48
CA SER A 231 0.88 2.04 -9.53
C SER A 231 0.76 0.62 -10.07
N PHE A 232 -0.42 -0.01 -9.94
CA PHE A 232 -0.61 -1.34 -10.53
C PHE A 232 -0.44 -1.30 -12.05
N LEU A 233 -0.95 -0.25 -12.70
CA LEU A 233 -0.82 -0.20 -14.16
C LEU A 233 0.64 -0.03 -14.55
N ILE A 234 1.37 0.81 -13.82
CA ILE A 234 2.78 1.04 -14.12
C ILE A 234 3.59 -0.25 -14.00
N LYS A 235 3.46 -0.94 -12.87
CA LYS A 235 4.37 -2.05 -12.58
C LYS A 235 3.99 -3.35 -13.26
N PHE A 236 2.71 -3.60 -13.47
CA PHE A 236 2.24 -4.96 -13.77
C PHE A 236 1.54 -5.10 -15.11
N ASN A 237 1.49 -4.06 -15.93
CA ASN A 237 1.14 -4.27 -17.32
C ASN A 237 2.13 -5.26 -17.96
N ASP A 238 1.74 -5.83 -19.09
CA ASP A 238 2.48 -6.92 -19.73
C ASP A 238 3.93 -6.54 -20.00
N SER A 239 4.15 -5.33 -20.50
CA SER A 239 5.49 -4.86 -20.86
C SER A 239 6.40 -4.76 -19.64
N ASN A 240 6.00 -3.98 -18.63
CA ASN A 240 6.86 -3.80 -17.47
C ASN A 240 7.08 -5.12 -16.74
N LEU A 241 6.04 -5.95 -16.69
CA LEU A 241 6.16 -7.19 -15.93
C LEU A 241 7.20 -8.12 -16.52
N SER A 242 7.35 -8.10 -17.85
CA SER A 242 8.31 -8.98 -18.50
C SER A 242 9.75 -8.62 -18.15
N LEU A 243 10.02 -7.37 -17.79
CA LEU A 243 11.39 -6.95 -17.53
C LEU A 243 11.60 -6.46 -16.10
N SER A 253 -0.77 -12.73 -18.60
CA SER A 253 -1.00 -11.35 -18.21
C SER A 253 -1.62 -11.30 -16.82
N LYS A 254 -1.19 -10.30 -16.04
CA LYS A 254 -1.72 -10.01 -14.71
C LYS A 254 -2.97 -9.13 -14.78
N LEU A 255 -2.98 -8.16 -15.69
CA LEU A 255 -4.02 -7.16 -15.76
C LEU A 255 -5.15 -7.50 -16.70
N GLU A 256 -4.88 -8.30 -17.75
CA GLU A 256 -5.89 -8.50 -18.77
C GLU A 256 -7.20 -9.01 -18.16
N ASN A 257 -7.11 -9.93 -17.21
CA ASN A 257 -8.30 -10.49 -16.59
C ASN A 257 -8.93 -9.57 -15.55
N ASN A 258 -8.29 -8.46 -15.22
CA ASN A 258 -8.81 -7.50 -14.26
C ASN A 258 -9.35 -6.23 -14.91
N ILE A 259 -9.41 -6.19 -16.23
CA ILE A 259 -9.81 -4.97 -16.94
C ILE A 259 -11.23 -4.55 -16.53
N ILE A 260 -12.13 -5.52 -16.34
CA ILE A 260 -13.49 -5.19 -15.93
C ILE A 260 -13.50 -4.38 -14.63
N TYR A 261 -12.64 -4.75 -13.69
CA TYR A 261 -12.56 -4.00 -12.43
C TYR A 261 -11.94 -2.63 -12.66
N ILE A 262 -10.86 -2.57 -13.43
CA ILE A 262 -10.21 -1.30 -13.73
CA ILE A 262 -10.22 -1.29 -13.69
C ILE A 262 -11.22 -0.31 -14.29
N GLU A 263 -12.02 -0.77 -15.24
CA GLU A 263 -12.99 0.12 -15.87
C GLU A 263 -14.01 0.66 -14.87
N GLU A 264 -14.52 -0.22 -13.98
CA GLU A 264 -15.44 0.26 -12.94
C GLU A 264 -14.76 1.23 -12.01
N TRP A 265 -13.50 0.91 -11.65
CA TRP A 265 -12.71 1.73 -10.74
C TRP A 265 -12.52 3.13 -11.32
N LEU A 266 -12.17 3.21 -12.61
CA LEU A 266 -12.00 4.49 -13.28
C LEU A 266 -13.30 5.27 -13.34
N LYS A 267 -14.38 4.62 -13.78
CA LYS A 267 -15.66 5.32 -13.91
C LYS A 267 -16.09 5.92 -12.57
N LYS A 268 -15.92 5.16 -11.48
CA LYS A 268 -16.34 5.64 -10.16
C LYS A 268 -15.50 6.85 -9.74
N GLY A 269 -14.18 6.77 -9.90
CA GLY A 269 -13.35 7.88 -9.48
C GLY A 269 -13.54 9.13 -10.33
N ILE A 270 -13.67 8.95 -11.65
CA ILE A 270 -13.81 10.10 -12.53
C ILE A 270 -15.13 10.84 -12.31
N SER A 271 -16.15 10.15 -11.81
CA SER A 271 -17.41 10.81 -11.49
C SER A 271 -17.59 11.03 -10.00
N ASP A 272 -16.50 10.96 -9.23
CA ASP A 272 -16.58 11.09 -7.78
C ASP A 272 -17.11 12.47 -7.38
N SER A 273 -17.77 12.52 -6.23
CA SER A 273 -18.24 13.81 -5.71
C SER A 273 -17.10 14.73 -5.33
N GLN A 274 -15.93 14.17 -5.02
CA GLN A 274 -14.79 14.93 -4.53
C GLN A 274 -13.89 15.33 -5.69
N THR A 275 -13.60 16.63 -5.79
CA THR A 275 -12.82 17.11 -6.93
C THR A 275 -11.41 16.53 -6.95
N THR A 276 -10.80 16.30 -5.78
CA THR A 276 -9.44 15.73 -5.78
C THR A 276 -9.45 14.30 -6.32
N VAL A 277 -10.49 13.53 -6.02
CA VAL A 277 -10.55 12.16 -6.53
C VAL A 277 -10.74 12.15 -8.04
N ARG A 278 -11.65 12.99 -8.55
CA ARG A 278 -11.85 13.10 -9.99
C ARG A 278 -10.55 13.47 -10.69
N GLU A 279 -9.81 14.45 -10.15
CA GLU A 279 -8.56 14.88 -10.78
C GLU A 279 -7.54 13.77 -10.79
N ALA A 280 -7.38 13.08 -9.66
CA ALA A 280 -6.44 11.96 -9.61
C ALA A 280 -6.86 10.84 -10.56
N MET A 281 -8.16 10.52 -10.61
CA MET A 281 -8.57 9.42 -11.46
C MET A 281 -8.52 9.78 -12.93
N ARG A 282 -8.73 11.06 -13.29
CA ARG A 282 -8.58 11.47 -14.69
CA ARG A 282 -8.58 11.45 -14.69
C ARG A 282 -7.15 11.26 -15.16
N LEU A 283 -6.18 11.54 -14.31
CA LEU A 283 -4.78 11.30 -14.66
C LEU A 283 -4.50 9.79 -14.74
N THR A 284 -5.01 9.00 -13.79
CA THR A 284 -4.83 7.55 -13.86
C THR A 284 -5.46 6.95 -15.12
N PHE A 285 -6.55 7.54 -15.61
CA PHE A 285 -7.16 7.07 -16.85
C PHE A 285 -6.16 7.03 -17.99
N TRP A 286 -5.27 8.03 -18.08
CA TRP A 286 -4.32 8.02 -19.19
C TRP A 286 -3.25 6.95 -19.05
N TYR A 287 -2.98 6.49 -17.83
CA TYR A 287 -2.13 5.31 -17.69
C TYR A 287 -2.85 4.06 -18.20
N PHE A 288 -4.15 3.95 -17.92
CA PHE A 288 -4.94 2.87 -18.50
C PHE A 288 -4.93 2.92 -20.01
N TYR A 289 -5.11 4.12 -20.58
CA TYR A 289 -5.08 4.31 -22.02
C TYR A 289 -3.77 3.85 -22.62
N LYS A 290 -2.65 4.08 -21.92
CA LYS A 290 -1.36 3.64 -22.41
C LYS A 290 -1.23 2.11 -22.42
N CYS A 291 -1.87 1.43 -21.47
CA CYS A 291 -1.84 -0.03 -21.42
C CYS A 291 -2.84 -0.68 -22.37
N TYR A 292 -4.07 -0.16 -22.45
CA TYR A 292 -5.16 -0.80 -23.19
C TYR A 292 -5.95 0.28 -23.93
N PRO A 293 -5.37 0.84 -24.99
CA PRO A 293 -6.03 1.99 -25.64
C PRO A 293 -7.41 1.68 -26.18
N THR A 294 -7.64 0.48 -26.71
CA THR A 294 -8.96 0.16 -27.24
C THR A 294 -10.02 0.23 -26.14
N ASN A 295 -9.73 -0.36 -24.99
CA ASN A 295 -10.67 -0.33 -23.87
C ASN A 295 -10.90 1.08 -23.36
N ALA A 296 -9.82 1.85 -23.19
CA ALA A 296 -9.94 3.20 -22.69
C ALA A 296 -10.68 4.11 -23.67
N LYS A 297 -10.43 3.97 -24.98
CA LYS A 297 -11.17 4.74 -25.96
C LYS A 297 -12.67 4.47 -25.85
N ARG A 298 -13.04 3.21 -25.62
CA ARG A 298 -14.45 2.87 -25.49
C ARG A 298 -15.07 3.55 -24.27
N LEU A 299 -14.35 3.56 -23.14
CA LEU A 299 -14.81 4.32 -21.99
C LEU A 299 -15.02 5.78 -22.35
N LEU A 300 -14.04 6.36 -23.04
CA LEU A 300 -14.03 7.79 -23.33
C LEU A 300 -15.19 8.19 -24.24
N SER A 301 -15.62 7.33 -25.15
CA SER A 301 -16.70 7.65 -26.07
C SER A 301 -17.99 6.92 -25.76
N SER A 302 -17.92 5.64 -25.44
CA SER A 302 -19.11 4.81 -25.24
C SER A 302 -19.57 4.76 -23.79
N SER A 303 -18.93 5.47 -22.88
CA SER A 303 -19.27 5.35 -21.47
C SER A 303 -19.22 6.66 -20.68
N PHE A 304 -18.54 7.69 -21.14
CA PHE A 304 -18.49 8.98 -20.44
C PHE A 304 -19.44 9.98 -21.08
N SER A 305 -19.93 10.90 -20.26
CA SER A 305 -20.65 12.05 -20.77
C SER A 305 -19.68 13.00 -21.46
N PRO A 306 -20.17 13.89 -22.34
CA PRO A 306 -19.27 14.89 -22.92
C PRO A 306 -18.59 15.76 -21.88
N GLN A 307 -19.22 15.95 -20.71
CA GLN A 307 -18.59 16.68 -19.61
C GLN A 307 -17.33 15.96 -19.15
N LEU A 308 -17.47 14.73 -18.64
CA LEU A 308 -16.33 13.99 -18.16
C LEU A 308 -15.34 13.69 -19.28
N LYS A 309 -15.82 13.57 -20.52
CA LYS A 309 -14.93 13.31 -21.64
C LYS A 309 -13.95 14.45 -21.85
N LYS A 310 -14.47 15.67 -22.01
CA LYS A 310 -13.60 16.84 -22.22
C LYS A 310 -12.63 17.03 -21.06
N ALA A 311 -13.13 16.92 -19.82
CA ALA A 311 -12.27 17.07 -18.66
C ALA A 311 -11.18 16.02 -18.64
N THR A 312 -11.52 14.77 -18.97
CA THR A 312 -10.52 13.71 -19.02
C THR A 312 -9.49 13.97 -20.11
N GLU A 313 -9.94 14.49 -21.27
CA GLU A 313 -9.02 14.75 -22.37
C GLU A 313 -8.00 15.82 -22.01
N LEU A 314 -8.33 16.73 -21.09
CA LEU A 314 -7.42 17.80 -20.70
C LEU A 314 -6.45 17.39 -19.60
N ALA A 315 -6.52 16.15 -19.11
CA ALA A 315 -5.68 15.68 -18.02
C ALA A 315 -4.51 14.81 -18.47
N ILE A 316 -4.19 14.80 -19.77
CA ILE A 316 -3.08 13.97 -20.26
C ILE A 316 -1.76 14.52 -19.74
N PRO A 317 -0.90 13.70 -19.14
CA PRO A 317 0.43 14.19 -18.73
C PRO A 317 1.39 14.18 -19.90
N ALA A 318 2.36 15.11 -19.85
CA ALA A 318 3.19 15.45 -21.00
C ALA A 318 4.14 14.34 -21.44
N HIS A 319 4.34 13.31 -20.63
CA HIS A 319 5.26 12.23 -20.97
C HIS A 319 4.58 10.97 -21.49
N LEU A 320 3.25 10.92 -21.47
CA LEU A 320 2.52 9.77 -21.99
C LEU A 320 1.96 10.04 -23.39
#